data_2C3V
#
_entry.id   2C3V
#
_cell.length_a   30.198
_cell.length_b   41.819
_cell.length_c   68.183
_cell.angle_alpha   90.00
_cell.angle_beta   97.18
_cell.angle_gamma   90.00
#
_symmetry.space_group_name_H-M   'P 1 21 1'
#
loop_
_entity.id
_entity.type
_entity.pdbx_description
1 polymer 'ALPHA-AMYLASE G-6'
2 polymer 'ALPHA-AMYLASE G-6'
3 non-polymer 'IODIDE ION'
4 water water
#
loop_
_entity_poly.entity_id
_entity_poly.type
_entity_poly.pdbx_seq_one_letter_code
_entity_poly.pdbx_strand_id
1 'polypeptide(L)'
;GSHMASGDATDITIYYKTGWTHPHIHYSLNQGAWTTLPGVPLTKSE(TYI)EG(TYI)VKVTIEAEEGSQLRAAFNNGSG
QWDNNQGRDYDFSSGVHTLADGRILSGTPK
;
A
2 'polypeptide(L)'
;GSHMASGDATDITIYYKTGWTHPHIHYSLNQGAWTTLPGVPLTKSEYEGYVKVTIEAEEGSQLRAAFNNGSGQWDNNQGR
DYDFSSGVHTLADGRILSGTPK
;
B
#
loop_
_chem_comp.id
_chem_comp.type
_chem_comp.name
_chem_comp.formula
IOD non-polymer 'IODIDE ION' 'I -1'
#
# COMPACT_ATOMS: atom_id res chain seq x y z
N ASP A 8 1.43 -12.72 13.82
CA ASP A 8 1.64 -11.25 14.08
C ASP A 8 3.06 -10.74 13.78
N ALA A 9 3.12 -9.96 12.71
CA ALA A 9 4.34 -9.42 12.10
C ALA A 9 5.15 -8.70 13.15
N THR A 10 6.47 -8.63 12.90
CA THR A 10 7.43 -8.03 13.80
C THR A 10 8.23 -7.01 13.01
N ASP A 11 9.22 -7.42 12.22
CA ASP A 11 10.01 -6.46 11.48
C ASP A 11 9.21 -5.67 10.48
N ILE A 12 9.69 -4.48 10.14
CA ILE A 12 9.08 -3.58 9.16
C ILE A 12 9.92 -3.59 7.88
N THR A 13 9.38 -4.19 6.85
CA THR A 13 10.03 -4.26 5.58
C THR A 13 9.35 -3.36 4.55
N ILE A 14 10.13 -2.52 3.88
CA ILE A 14 9.66 -1.51 2.98
C ILE A 14 10.37 -1.64 1.66
N TYR A 15 9.59 -1.72 0.58
CA TYR A 15 10.04 -1.58 -0.80
C TYR A 15 9.67 -0.19 -1.27
N TYR A 16 10.57 0.46 -1.99
CA TYR A 16 10.42 1.86 -2.38
C TYR A 16 10.82 2.03 -3.84
N LYS A 17 9.90 2.49 -4.66
CA LYS A 17 10.20 2.80 -6.05
C LYS A 17 10.98 4.11 -6.17
N THR A 18 12.19 4.05 -6.71
CA THR A 18 13.03 5.24 -6.84
C THR A 18 14.11 5.06 -7.87
N GLY A 19 14.40 6.14 -8.60
CA GLY A 19 15.60 6.16 -9.43
C GLY A 19 16.81 6.80 -8.80
N TRP A 20 16.72 7.22 -7.54
CA TRP A 20 17.87 7.80 -6.89
C TRP A 20 18.96 6.75 -6.77
N THR A 21 20.22 7.17 -6.97
CA THR A 21 21.30 6.22 -6.81
C THR A 21 21.72 5.99 -5.38
N HIS A 22 21.47 6.95 -4.49
CA HIS A 22 21.85 6.84 -3.08
C HIS A 22 20.63 7.04 -2.17
N PRO A 23 19.60 6.24 -2.34
CA PRO A 23 18.37 6.46 -1.54
C PRO A 23 18.60 6.04 -0.08
N HIS A 24 17.98 6.82 0.84
CA HIS A 24 18.03 6.60 2.28
C HIS A 24 16.62 6.73 2.85
N ILE A 25 16.41 6.02 3.95
CA ILE A 25 15.23 6.16 4.77
C ILE A 25 15.60 6.80 6.10
N HIS A 26 14.90 7.85 6.46
CA HIS A 26 15.08 8.62 7.69
C HIS A 26 13.75 8.35 8.43
N TYR A 27 13.82 7.93 9.67
CA TYR A 27 12.66 7.44 10.40
C TYR A 27 12.77 7.49 11.89
N SER A 28 11.58 7.40 12.49
CA SER A 28 11.37 7.31 13.94
C SER A 28 10.54 6.02 14.17
N LEU A 29 11.08 5.11 14.95
CA LEU A 29 10.44 3.84 15.27
C LEU A 29 9.69 3.95 16.60
N ASN A 30 8.40 3.67 16.57
CA ASN A 30 7.55 3.60 17.78
C ASN A 30 7.58 4.90 18.60
N GLN A 31 7.62 6.01 17.85
CA GLN A 31 7.62 7.36 18.46
C GLN A 31 8.90 7.67 19.20
N GLY A 32 9.95 6.94 18.87
CA GLY A 32 11.26 7.21 19.38
C GLY A 32 12.03 8.26 18.60
N ALA A 33 13.34 8.30 18.91
CA ALA A 33 14.23 9.24 18.25
C ALA A 33 14.30 8.99 16.75
N TRP A 34 14.43 10.06 15.98
CA TRP A 34 14.68 9.93 14.57
C TRP A 34 16.15 9.56 14.33
N THR A 35 16.38 8.81 13.25
CA THR A 35 17.74 8.54 12.77
C THR A 35 18.50 9.86 12.58
N THR A 36 19.81 9.77 12.61
CA THR A 36 20.65 10.90 12.25
C THR A 36 20.74 10.98 10.75
N LEU A 37 20.55 12.16 10.17
CA LEU A 37 20.59 12.31 8.72
C LEU A 37 21.91 11.77 8.18
N PRO A 38 21.87 11.15 7.00
CA PRO A 38 20.70 11.03 6.10
C PRO A 38 19.83 9.79 6.34
N GLY A 39 20.13 9.00 7.37
CA GLY A 39 19.40 7.77 7.64
C GLY A 39 20.07 6.54 7.04
N VAL A 40 19.27 5.50 6.89
CA VAL A 40 19.73 4.16 6.57
C VAL A 40 19.68 4.01 5.06
N PRO A 41 20.70 3.46 4.39
CA PRO A 41 20.56 3.22 2.96
C PRO A 41 19.54 2.10 2.62
N LEU A 42 18.90 2.23 1.46
CA LEU A 42 18.07 1.15 0.91
C LEU A 42 18.90 0.58 -0.26
N THR A 43 18.80 -0.72 -0.37
CA THR A 43 19.55 -1.52 -1.34
C THR A 43 18.60 -1.97 -2.43
N LYS A 44 19.09 -1.97 -3.68
CA LYS A 44 18.27 -2.36 -4.80
C LYS A 44 17.69 -3.76 -4.58
N SER A 45 16.44 -3.89 -4.96
CA SER A 45 15.76 -5.19 -5.09
C SER A 45 15.90 -5.69 -6.50
N GLU A 46 15.68 -6.98 -6.71
CA GLU A 46 15.58 -7.49 -8.07
C GLU A 46 14.27 -7.06 -8.76
N TYI A 47 13.28 -6.54 -7.98
CA TYI A 47 12.21 -5.84 -8.68
CB TYI A 47 11.06 -5.58 -7.73
CG TYI A 47 10.28 -6.81 -7.31
CD1 TYI A 47 9.26 -7.33 -8.13
CE1 TYI A 47 8.51 -8.41 -7.76
CD2 TYI A 47 10.56 -7.43 -6.12
CE2 TYI A 47 9.84 -8.55 -5.69
CZ TYI A 47 8.72 -9.09 -6.49
OH TYI A 47 8.02 -10.18 -6.14
C TYI A 47 12.82 -4.56 -9.19
O TYI A 47 13.18 -3.68 -8.41
I1 TYI A 47 6.98 -9.20 -8.91
I2 TYI A 47 10.29 -9.43 -3.87
N GLU A 48 12.99 -4.43 -10.50
CA GLU A 48 13.67 -3.30 -11.10
C GLU A 48 12.96 -2.00 -10.79
N GLY A 49 13.75 -1.02 -10.37
CA GLY A 49 13.19 0.22 -9.97
C GLY A 49 12.89 0.31 -8.49
N TYI A 50 12.99 -0.80 -7.72
CA TYI A 50 12.63 -0.77 -6.30
CA TYI A 50 12.65 -0.76 -6.30
CB TYI A 50 11.61 -1.86 -5.87
CB TYI A 50 11.66 -1.86 -5.90
CG TYI A 50 10.23 -1.54 -6.40
CG TYI A 50 10.27 -1.58 -6.40
CD1 TYI A 50 9.80 -2.19 -7.54
CD1 TYI A 50 9.86 -2.21 -7.58
CE1 TYI A 50 8.56 -1.95 -8.10
CE1 TYI A 50 8.59 -2.00 -8.11
CD2 TYI A 50 9.42 -0.60 -5.77
CD2 TYI A 50 9.42 -0.72 -5.70
CE2 TYI A 50 8.15 -0.29 -6.24
CE2 TYI A 50 8.13 -0.45 -6.15
CZ TYI A 50 7.66 -0.96 -7.47
CZ TYI A 50 7.65 -1.09 -7.40
OH TYI A 50 6.29 -0.94 -7.74
OH TYI A 50 6.40 -0.91 -7.83
C TYI A 50 13.88 -0.95 -5.48
O TYI A 50 14.82 -1.68 -5.88
I1 TYI A 50 8.07 -3.05 -9.81
I1 TYI A 50 8.05 -2.98 -9.86
N VAL A 51 13.92 -0.31 -4.31
CA VAL A 51 14.93 -0.57 -3.28
C VAL A 51 14.20 -1.08 -2.04
N LYS A 52 14.92 -1.68 -1.13
CA LYS A 52 14.37 -2.35 0.02
C LYS A 52 15.16 -2.09 1.26
N VAL A 53 14.44 -2.04 2.37
CA VAL A 53 15.05 -2.07 3.73
C VAL A 53 14.17 -2.91 4.69
N THR A 54 14.80 -3.55 5.65
CA THR A 54 14.10 -4.15 6.75
C THR A 54 14.58 -3.52 8.06
N ILE A 55 13.64 -3.06 8.86
CA ILE A 55 13.93 -2.40 10.14
C ILE A 55 13.51 -3.38 11.21
N GLU A 56 14.48 -3.83 12.03
CA GLU A 56 14.19 -4.72 13.10
C GLU A 56 13.23 -4.10 14.08
N ALA A 57 12.16 -4.84 14.43
CA ALA A 57 11.13 -4.24 15.30
C ALA A 57 10.37 -5.34 16.04
N GLU A 58 9.75 -4.93 17.12
CA GLU A 58 8.87 -5.81 17.88
C GLU A 58 7.46 -5.89 17.35
N GLU A 59 6.72 -6.88 17.85
CA GLU A 59 5.32 -7.02 17.58
C GLU A 59 4.61 -5.68 17.85
N GLY A 60 3.72 -5.28 16.97
CA GLY A 60 2.90 -4.10 17.16
C GLY A 60 3.68 -2.82 16.90
N SER A 61 4.73 -2.89 16.12
CA SER A 61 5.50 -1.68 15.81
C SER A 61 4.96 -0.87 14.65
N GLN A 62 5.30 0.42 14.70
CA GLN A 62 4.99 1.36 13.66
C GLN A 62 6.16 2.38 13.56
N LEU A 63 6.59 2.69 12.33
CA LEU A 63 7.55 3.80 12.14
C LEU A 63 7.00 4.89 11.26
N ARG A 64 7.61 6.08 11.40
CA ARG A 64 7.27 7.25 10.60
C ARG A 64 8.51 7.55 9.78
N ALA A 65 8.37 7.71 8.47
CA ALA A 65 9.55 7.83 7.60
C ALA A 65 9.43 8.89 6.53
N ALA A 66 10.59 9.38 6.11
CA ALA A 66 10.70 10.20 4.90
C ALA A 66 11.93 9.66 4.19
N PHE A 67 11.92 9.75 2.88
CA PHE A 67 13.00 9.20 2.02
C PHE A 67 13.80 10.35 1.44
N ASN A 68 15.08 10.10 1.26
CA ASN A 68 15.94 11.11 0.63
C ASN A 68 16.99 10.51 -0.26
N ASN A 69 17.60 11.37 -1.07
CA ASN A 69 18.61 10.93 -2.06
C ASN A 69 20.03 11.04 -1.54
N GLY A 70 20.20 11.20 -0.23
CA GLY A 70 21.50 11.37 0.40
C GLY A 70 22.09 12.74 0.42
N SER A 71 21.48 13.67 -0.28
CA SER A 71 22.03 14.97 -0.53
C SER A 71 20.99 16.08 -0.47
N GLY A 72 19.92 15.83 0.25
CA GLY A 72 18.89 16.82 0.44
C GLY A 72 17.69 16.94 -0.45
N GLN A 73 17.47 15.98 -1.35
CA GLN A 73 16.22 15.87 -2.06
C GLN A 73 15.37 14.86 -1.31
N TRP A 74 14.11 15.22 -1.10
CA TRP A 74 13.22 14.48 -0.19
C TRP A 74 11.91 14.06 -0.83
N ASP A 75 11.38 12.96 -0.29
CA ASP A 75 10.04 12.48 -0.51
C ASP A 75 9.45 12.22 0.84
N ASN A 76 8.60 13.15 1.29
CA ASN A 76 8.08 13.15 2.63
C ASN A 76 6.55 13.10 2.68
N ASN A 77 5.93 12.66 1.60
CA ASN A 77 4.47 12.48 1.53
C ASN A 77 3.74 13.80 1.79
N GLN A 78 4.19 14.82 1.11
CA GLN A 78 3.64 16.18 1.27
C GLN A 78 3.60 16.67 2.73
N GLY A 79 4.60 16.28 3.49
CA GLY A 79 4.72 16.68 4.86
C GLY A 79 3.98 15.74 5.84
N ARG A 80 3.23 14.73 5.34
CA ARG A 80 2.57 13.78 6.24
C ARG A 80 3.53 12.71 6.75
N ASP A 81 4.64 12.53 5.99
CA ASP A 81 5.55 11.43 6.18
C ASP A 81 4.78 10.15 5.92
N TYR A 82 5.52 9.08 5.81
CA TYR A 82 4.94 7.76 5.53
C TYR A 82 4.97 6.88 6.76
N ASP A 83 3.81 6.24 7.05
CA ASP A 83 3.67 5.40 8.21
C ASP A 83 3.71 3.96 7.75
N PHE A 84 4.53 3.15 8.40
CA PHE A 84 4.65 1.72 8.06
C PHE A 84 4.62 0.90 9.36
N SER A 85 3.79 -0.16 9.36
CA SER A 85 3.64 -0.99 10.52
C SER A 85 4.46 -2.27 10.38
N SER A 86 4.55 -3.01 11.45
CA SER A 86 5.07 -4.38 11.40
C SER A 86 4.45 -5.09 10.16
N GLY A 87 5.32 -5.73 9.42
CA GLY A 87 4.91 -6.35 8.17
C GLY A 87 5.65 -5.78 6.97
N VAL A 88 5.16 -6.08 5.79
CA VAL A 88 5.78 -5.74 4.51
C VAL A 88 4.86 -4.85 3.74
N HIS A 89 5.46 -3.86 3.10
CA HIS A 89 4.76 -2.78 2.37
C HIS A 89 5.57 -2.24 1.21
N THR A 90 4.89 -1.78 0.17
CA THR A 90 5.51 -1.23 -0.99
C THR A 90 4.95 0.18 -1.27
N LEU A 91 5.86 1.12 -1.32
CA LEU A 91 5.59 2.49 -1.66
C LEU A 91 6.08 2.78 -3.09
N ALA A 92 5.19 3.31 -3.92
CA ALA A 92 5.47 3.67 -5.27
C ALA A 92 4.71 4.93 -5.63
N ASP A 93 5.44 5.97 -6.04
CA ASP A 93 4.87 7.28 -6.39
C ASP A 93 3.72 7.70 -5.43
N GLY A 94 4.06 7.68 -4.15
CA GLY A 94 3.18 8.14 -3.08
C GLY A 94 2.08 7.18 -2.65
N ARG A 95 1.95 6.00 -3.25
CA ARG A 95 0.92 5.02 -2.87
C ARG A 95 1.52 3.87 -2.15
N ILE A 96 0.90 3.47 -1.05
CA ILE A 96 1.36 2.32 -0.28
C ILE A 96 0.38 1.22 -0.35
N LEU A 97 0.88 0.07 -0.77
CA LEU A 97 0.12 -1.20 -0.79
C LEU A 97 0.78 -2.16 0.15
N SER A 98 0.03 -3.00 0.83
CA SER A 98 0.62 -4.01 1.65
CA SER A 98 0.59 -4.06 1.63
C SER A 98 1.29 -5.07 0.74
N GLY A 99 2.32 -5.70 1.28
CA GLY A 99 3.07 -6.70 0.57
C GLY A 99 4.15 -6.22 -0.36
N THR A 100 4.67 -7.15 -1.15
CA THR A 100 5.80 -6.90 -2.04
C THR A 100 5.35 -6.26 -3.32
N PRO A 101 6.27 -5.81 -4.16
CA PRO A 101 5.84 -5.30 -5.48
C PRO A 101 5.23 -6.36 -6.44
N MET B 4 -15.11 -9.87 16.23
CA MET B 4 -14.29 -10.46 17.31
CA MET B 4 -14.29 -10.46 17.30
C MET B 4 -12.93 -9.77 17.40
N ALA B 5 -12.21 -9.73 16.28
CA ALA B 5 -10.86 -9.08 16.25
C ALA B 5 -10.94 -7.58 16.00
N SER B 6 -10.01 -6.81 16.58
CA SER B 6 -9.82 -5.42 16.20
C SER B 6 -9.47 -5.30 14.68
N GLY B 7 -9.97 -4.23 14.09
CA GLY B 7 -9.76 -3.89 12.69
C GLY B 7 -8.63 -2.89 12.56
N ASP B 8 -7.94 -2.90 11.40
CA ASP B 8 -6.97 -1.83 11.14
C ASP B 8 -7.76 -0.56 10.92
N ALA B 9 -7.29 0.48 11.60
CA ALA B 9 -8.06 1.72 11.69
C ALA B 9 -8.18 2.40 10.32
N THR B 10 -7.24 2.14 9.42
CA THR B 10 -7.15 2.93 8.22
C THR B 10 -6.94 2.15 6.93
N ASP B 11 -6.35 0.96 6.97
CA ASP B 11 -6.17 0.14 5.77
C ASP B 11 -7.50 -0.11 5.06
N ILE B 12 -7.49 -0.02 3.74
CA ILE B 12 -8.63 -0.36 2.93
C ILE B 12 -8.33 -1.68 2.29
N THR B 13 -8.94 -2.73 2.85
CA THR B 13 -8.72 -4.06 2.41
C THR B 13 -9.97 -4.51 1.64
N ILE B 14 -9.69 -5.04 0.47
CA ILE B 14 -10.73 -5.44 -0.50
C ILE B 14 -10.47 -6.86 -0.93
N TYR B 15 -11.51 -7.68 -0.74
CA TYR B 15 -11.63 -9.04 -1.30
C TYR B 15 -12.56 -8.94 -2.52
N TYR B 16 -12.21 -9.59 -3.60
CA TYR B 16 -12.98 -9.57 -4.85
C TYR B 16 -13.21 -10.99 -5.36
N LYS B 17 -14.50 -11.37 -5.45
CA LYS B 17 -14.91 -12.67 -5.95
C LYS B 17 -14.71 -12.63 -7.44
N THR B 18 -13.78 -13.41 -7.91
CA THR B 18 -13.61 -13.48 -9.33
C THR B 18 -13.07 -14.83 -9.77
N GLY B 19 -13.43 -15.22 -10.99
CA GLY B 19 -12.82 -16.37 -11.60
C GLY B 19 -11.67 -15.95 -12.49
N TRP B 20 -11.50 -14.65 -12.71
CA TRP B 20 -10.41 -14.12 -13.55
C TRP B 20 -9.02 -14.59 -13.11
N THR B 21 -8.18 -14.90 -14.10
CA THR B 21 -6.81 -15.41 -13.89
C THR B 21 -5.92 -14.41 -13.18
N HIS B 22 -5.71 -13.27 -13.86
CA HIS B 22 -4.96 -12.13 -13.35
C HIS B 22 -5.88 -10.91 -13.07
N PRO B 23 -6.66 -10.95 -12.00
CA PRO B 23 -7.54 -9.83 -11.68
C PRO B 23 -6.69 -8.61 -11.24
N HIS B 24 -7.04 -7.45 -11.76
CA HIS B 24 -6.49 -6.16 -11.38
C HIS B 24 -7.54 -5.21 -10.79
N ILE B 25 -7.06 -4.29 -9.95
CA ILE B 25 -7.90 -3.20 -9.43
C ILE B 25 -7.34 -1.88 -9.90
N HIS B 26 -8.23 -1.07 -10.48
CA HIS B 26 -7.95 0.28 -11.00
C HIS B 26 -8.69 1.34 -10.14
N TYR B 27 -7.99 2.29 -9.52
CA TYR B 27 -8.65 3.05 -8.47
C TYR B 27 -8.09 4.45 -8.29
N SER B 28 -8.91 5.27 -7.63
CA SER B 28 -8.59 6.62 -7.21
C SER B 28 -8.86 6.69 -5.71
N LEU B 29 -7.87 7.16 -4.97
CA LEU B 29 -7.97 7.35 -3.55
C LEU B 29 -8.20 8.84 -3.21
N ASN B 30 -9.25 9.15 -2.43
CA ASN B 30 -9.47 10.50 -1.90
C ASN B 30 -9.65 11.54 -3.04
N GLN B 31 -10.33 11.10 -4.08
CA GLN B 31 -10.59 11.87 -5.27
C GLN B 31 -9.31 12.20 -6.09
N GLY B 32 -8.18 11.55 -5.78
CA GLY B 32 -6.93 11.75 -6.48
C GLY B 32 -6.74 11.07 -7.84
N ALA B 33 -5.49 11.03 -8.29
CA ALA B 33 -5.15 10.46 -9.58
C ALA B 33 -5.50 8.96 -9.60
N TRP B 34 -6.04 8.50 -10.72
CA TRP B 34 -6.26 7.06 -10.93
C TRP B 34 -4.94 6.38 -11.20
N THR B 35 -4.86 5.10 -10.84
CA THR B 35 -3.74 4.26 -11.11
C THR B 35 -3.47 4.20 -12.62
N THR B 36 -2.26 3.84 -12.98
CA THR B 36 -1.98 3.74 -14.41
C THR B 36 -2.57 2.42 -14.90
N LEU B 37 -3.04 2.46 -16.12
CA LEU B 37 -4.32 1.84 -16.50
C LEU B 37 -4.72 0.47 -16.00
N PRO B 38 -3.98 -0.56 -16.36
CA PRO B 38 -4.52 -1.88 -16.02
C PRO B 38 -4.91 -1.87 -14.49
N GLY B 39 -4.11 -1.14 -13.70
CA GLY B 39 -4.22 -1.10 -12.27
C GLY B 39 -3.27 -2.11 -11.70
N VAL B 40 -3.50 -2.45 -10.45
CA VAL B 40 -2.69 -3.36 -9.65
C VAL B 40 -3.27 -4.75 -9.55
N PRO B 41 -2.46 -5.78 -9.64
CA PRO B 41 -2.88 -7.14 -9.29
C PRO B 41 -3.51 -7.37 -7.88
N LEU B 42 -4.58 -8.16 -7.83
CA LEU B 42 -5.12 -8.67 -6.58
C LEU B 42 -4.52 -10.08 -6.37
N THR B 43 -4.10 -10.37 -5.15
CA THR B 43 -3.46 -11.65 -4.85
C THR B 43 -4.41 -12.68 -4.27
N LYS B 44 -4.07 -13.96 -4.50
CA LYS B 44 -4.88 -15.05 -4.02
C LYS B 44 -4.96 -15.04 -2.51
N SER B 45 -6.12 -14.73 -1.97
CA SER B 45 -6.32 -14.64 -0.54
C SER B 45 -5.98 -15.99 0.13
N TYR B 50 -12.07 -15.88 -4.01
CA TYR B 50 -11.87 -14.46 -3.73
C TYR B 50 -10.40 -14.05 -3.76
N VAL B 51 -10.08 -12.82 -4.21
CA VAL B 51 -8.68 -12.32 -4.20
C VAL B 51 -8.70 -11.04 -3.38
N LYS B 52 -7.51 -10.51 -3.08
CA LYS B 52 -7.32 -9.45 -2.08
C LYS B 52 -6.32 -8.31 -2.48
N VAL B 53 -6.56 -7.12 -1.94
CA VAL B 53 -5.56 -6.04 -1.99
C VAL B 53 -5.75 -5.19 -0.75
N THR B 54 -4.65 -4.60 -0.27
CA THR B 54 -4.75 -3.66 0.83
C THR B 54 -4.05 -2.41 0.43
N ILE B 55 -4.83 -1.34 0.35
CA ILE B 55 -4.34 0.02 0.08
C ILE B 55 -4.24 0.72 1.42
N GLU B 56 -3.07 1.24 1.77
CA GLU B 56 -2.88 1.90 3.07
C GLU B 56 -3.10 3.38 2.82
N ALA B 57 -3.75 4.06 3.74
CA ALA B 57 -4.17 5.46 3.51
C ALA B 57 -4.43 6.16 4.85
N GLU B 58 -4.51 7.47 4.78
CA GLU B 58 -4.90 8.26 5.93
C GLU B 58 -6.30 7.92 6.44
N GLU B 59 -6.52 8.19 7.73
CA GLU B 59 -7.83 7.96 8.34
C GLU B 59 -8.91 8.70 7.54
N GLY B 60 -10.01 8.03 7.36
CA GLY B 60 -11.19 8.58 6.76
C GLY B 60 -11.22 8.53 5.23
N SER B 61 -10.24 7.80 4.68
CA SER B 61 -10.06 7.73 3.24
C SER B 61 -11.18 6.98 2.53
N GLN B 62 -11.49 7.44 1.31
CA GLN B 62 -12.46 6.82 0.44
C GLN B 62 -11.77 6.46 -0.86
N LEU B 63 -12.09 5.32 -1.42
CA LEU B 63 -11.63 5.13 -2.78
C LEU B 63 -12.73 4.60 -3.69
N ARG B 64 -12.55 4.89 -4.97
CA ARG B 64 -13.43 4.46 -6.03
C ARG B 64 -12.64 3.51 -6.92
N ALA B 65 -13.29 2.42 -7.32
CA ALA B 65 -12.54 1.34 -7.92
C ALA B 65 -13.31 0.70 -9.04
N ALA B 66 -12.56 0.17 -9.99
CA ALA B 66 -13.05 -0.71 -11.06
C ALA B 66 -12.11 -1.90 -11.16
N PHE B 67 -12.66 -3.05 -11.52
CA PHE B 67 -11.90 -4.29 -11.59
C PHE B 67 -11.86 -4.76 -13.03
N ASN B 68 -10.83 -5.49 -13.39
CA ASN B 68 -10.65 -6.00 -14.76
C ASN B 68 -9.78 -7.23 -14.79
N ASN B 69 -9.87 -8.01 -15.87
CA ASN B 69 -9.11 -9.26 -15.97
C ASN B 69 -7.69 -9.06 -16.49
N GLY B 70 -7.33 -7.80 -16.67
CA GLY B 70 -5.99 -7.42 -17.14
C GLY B 70 -5.95 -7.33 -18.65
N SER B 71 -6.87 -8.05 -19.27
CA SER B 71 -6.99 -8.10 -20.71
C SER B 71 -7.84 -6.93 -21.28
N GLY B 72 -8.89 -6.54 -20.56
CA GLY B 72 -9.86 -5.60 -21.12
C GLY B 72 -11.34 -5.86 -20.85
N GLN B 73 -11.65 -6.86 -20.05
CA GLN B 73 -13.00 -7.00 -19.48
C GLN B 73 -13.02 -6.36 -18.08
N TRP B 74 -14.04 -5.53 -17.86
CA TRP B 74 -14.19 -4.74 -16.68
C TRP B 74 -15.45 -5.04 -15.92
N ASP B 75 -15.36 -4.78 -14.62
CA ASP B 75 -16.48 -4.74 -13.71
C ASP B 75 -16.31 -3.39 -12.99
N ASN B 76 -17.01 -2.38 -13.48
CA ASN B 76 -16.95 -1.04 -12.92
C ASN B 76 -18.29 -0.49 -12.41
N ASN B 77 -19.22 -1.36 -11.98
CA ASN B 77 -20.48 -0.89 -11.41
C ASN B 77 -21.25 -0.02 -12.39
N GLN B 78 -21.29 -0.44 -13.65
CA GLN B 78 -22.05 0.30 -14.64
C GLN B 78 -21.59 1.76 -14.78
N GLY B 79 -20.29 1.99 -14.69
CA GLY B 79 -19.67 3.29 -14.84
C GLY B 79 -19.67 4.10 -13.56
N ARG B 80 -20.33 3.64 -12.50
CA ARG B 80 -20.38 4.43 -11.26
C ARG B 80 -19.14 4.19 -10.42
N ASP B 81 -18.45 3.08 -10.73
CA ASP B 81 -17.40 2.50 -9.87
C ASP B 81 -17.92 2.07 -8.51
N TYR B 82 -17.06 1.35 -7.81
CA TYR B 82 -17.30 0.86 -6.47
C TYR B 82 -16.60 1.68 -5.40
N ASP B 83 -17.32 1.98 -4.33
CA ASP B 83 -16.82 2.74 -3.22
C ASP B 83 -16.44 1.87 -2.05
N PHE B 84 -15.25 2.10 -1.57
CA PHE B 84 -14.67 1.40 -0.42
C PHE B 84 -14.08 2.41 0.56
N SER B 85 -14.27 2.13 1.85
CA SER B 85 -13.67 2.89 2.93
C SER B 85 -12.78 1.96 3.74
N SER B 86 -12.16 2.47 4.81
CA SER B 86 -11.26 1.68 5.62
C SER B 86 -12.01 0.55 6.27
N GLY B 87 -11.26 -0.47 6.61
CA GLY B 87 -11.83 -1.69 7.09
C GLY B 87 -11.82 -2.64 5.94
N VAL B 88 -12.41 -3.79 6.20
CA VAL B 88 -12.39 -4.89 5.28
C VAL B 88 -13.78 -4.96 4.67
N HIS B 89 -13.80 -5.10 3.34
CA HIS B 89 -15.01 -5.26 2.57
C HIS B 89 -14.77 -6.34 1.53
N THR B 90 -15.86 -6.95 1.08
CA THR B 90 -15.78 -8.01 0.11
C THR B 90 -16.77 -7.70 -1.03
N LEU B 91 -16.28 -7.72 -2.27
CA LEU B 91 -17.11 -7.56 -3.48
C LEU B 91 -17.29 -8.90 -4.21
N ALA B 92 -18.53 -9.37 -4.20
CA ALA B 92 -18.92 -10.60 -4.80
C ALA B 92 -20.21 -10.35 -5.59
N ASP B 93 -20.17 -10.89 -6.81
CA ASP B 93 -21.31 -10.95 -7.74
C ASP B 93 -22.12 -9.69 -7.61
N GLY B 94 -21.42 -8.57 -7.78
CA GLY B 94 -21.99 -7.24 -7.73
C GLY B 94 -22.30 -6.49 -6.44
N ARG B 95 -22.19 -7.08 -5.24
CA ARG B 95 -22.45 -6.29 -4.03
C ARG B 95 -21.28 -6.33 -3.03
N ILE B 96 -21.13 -5.25 -2.27
CA ILE B 96 -20.01 -5.10 -1.35
C ILE B 96 -20.58 -5.35 0.04
N LEU B 97 -20.14 -6.43 0.69
CA LEU B 97 -20.49 -6.67 2.10
C LEU B 97 -19.38 -6.26 3.08
N SER B 98 -19.73 -5.75 4.25
CA SER B 98 -18.75 -5.47 5.31
C SER B 98 -18.08 -6.77 5.78
N GLY B 99 -16.79 -6.68 6.07
CA GLY B 99 -16.04 -7.85 6.46
C GLY B 99 -15.53 -8.71 5.32
N THR B 100 -15.04 -9.87 5.72
CA THR B 100 -14.39 -10.87 4.88
C THR B 100 -15.45 -11.80 4.29
N PRO B 101 -15.06 -12.74 3.44
CA PRO B 101 -15.95 -13.81 2.99
C PRO B 101 -16.14 -14.92 4.05
I IOD C . -15.68 -18.15 5.22
I IOD C . -14.02 -17.93 6.01
I IOD C . -11.64 -19.70 3.93
I IOD D . -9.81 -13.82 5.18
I IOD D . -8.68 -14.52 3.37
I IOD D . -11.02 -14.40 6.00
I IOD E . -14.26 -18.60 -3.15
I IOD E . -16.60 -17.38 -1.41
#